data_9S25
#
_entry.id   9S25
#
_cell.length_a   83.518
_cell.length_b   83.518
_cell.length_c   132.936
_cell.angle_alpha   90.00
_cell.angle_beta   90.00
_cell.angle_gamma   90.00
#
_symmetry.space_group_name_H-M   'P 43 21 2'
#
loop_
_entity.id
_entity.type
_entity.pdbx_description
1 polymer 'NAD-dependent protein deacetylase sirtuin-2'
2 polymer 'TNFa-derived lysine triazole dodecyl inhibitor'
3 non-polymer 'ZINC ION'
4 non-polymer 4-dodecyl-1-propyl-1,2,3-triazole
5 water water
#
loop_
_entity_poly.entity_id
_entity_poly.type
_entity_poly.pdbx_seq_one_letter_code
_entity_poly.pdbx_strand_id
1 'polypeptide(L)'
;GHMERLLDELTLEGVARYMQSERCRRVICLVGAGISTSAGIPDFRSPSTGLYDNLEKYHLPYPEAIFEISYFKKHPEPFF
ALAKELYPGQFKPTICHYFMRLLKDKGLLLRCYTQNIDTLERIAGLEQEDLVEAHGTFYTSHCVSASCRHEYPLSWMKEK
IFSEVTPKCEDCQSLVKPDIVFFGESLPARFFSCMQSDFLKVDLLLVMGTSLQVQPFASLISKAPLSTPRLLINKEKAGQ
SDPFLGMIMGLGGGMDFDSKKAYRDVAWLGECDQGCLALAELLGWKKELEDLVRREHASIDAQS
;
A
2 'polypeptide(L)' EALPKATGG B
#
# COMPACT_ATOMS: atom_id res chain seq x y z
N GLU A 4 16.78 22.83 11.89
CA GLU A 4 16.54 21.63 11.11
C GLU A 4 15.55 20.70 11.82
N ARG A 5 15.01 21.16 12.95
CA ARG A 5 14.04 20.40 13.74
C ARG A 5 12.69 21.09 13.63
N LEU A 6 11.74 20.40 12.97
CA LEU A 6 10.42 20.97 12.74
C LEU A 6 9.37 20.47 13.74
N LEU A 7 9.58 19.32 14.36
CA LEU A 7 8.66 18.84 15.39
C LEU A 7 9.02 19.46 16.73
N ASP A 8 7.98 19.84 17.50
CA ASP A 8 8.23 20.39 18.82
C ASP A 8 8.49 19.29 19.85
N GLU A 9 7.95 18.09 19.62
CA GLU A 9 8.23 16.95 20.47
C GLU A 9 8.00 15.68 19.66
N LEU A 10 8.78 14.64 19.98
CA LEU A 10 8.75 13.39 19.22
C LEU A 10 7.64 12.48 19.72
N THR A 11 6.40 12.97 19.58
CA THR A 11 5.21 12.22 19.95
C THR A 11 4.17 12.37 18.85
N LEU A 12 3.05 11.67 19.00
CA LEU A 12 1.96 11.80 18.05
C LEU A 12 1.36 13.21 18.10
N GLU A 13 1.30 13.80 19.30
CA GLU A 13 0.77 15.16 19.43
C GLU A 13 1.68 16.17 18.72
N GLY A 14 2.99 15.98 18.79
CA GLY A 14 3.89 16.84 18.04
C GLY A 14 3.67 16.73 16.54
N VAL A 15 3.44 15.52 16.05
CA VAL A 15 3.15 15.32 14.63
C VAL A 15 1.84 16.02 14.25
N ALA A 16 0.83 15.93 15.11
CA ALA A 16 -0.44 16.61 14.83
C ALA A 16 -0.26 18.12 14.77
N ARG A 17 0.44 18.70 15.75
CA ARG A 17 0.66 20.14 15.74
C ARG A 17 1.47 20.56 14.52
N TYR A 18 2.43 19.74 14.10
CA TYR A 18 3.17 20.03 12.87
C TYR A 18 2.24 20.00 11.67
N MET A 19 1.34 19.00 11.61
CA MET A 19 0.39 18.93 10.50
C MET A 19 -0.52 20.15 10.47
N GLN A 20 -0.72 20.80 11.62
CA GLN A 20 -1.55 22.00 11.68
C GLN A 20 -0.75 23.28 11.53
N SER A 21 0.50 23.20 11.06
CA SER A 21 1.37 24.36 10.90
C SER A 21 1.59 24.67 9.42
N GLU A 22 2.02 25.91 9.16
CA GLU A 22 2.19 26.38 7.79
C GLU A 22 3.24 25.57 7.02
N ARG A 23 4.17 24.91 7.71
CA ARG A 23 5.23 24.17 7.03
C ARG A 23 4.73 22.89 6.41
N CYS A 24 3.62 22.34 6.89
CA CYS A 24 3.15 21.03 6.45
C CYS A 24 2.04 21.24 5.41
N ARG A 25 2.44 21.21 4.13
CA ARG A 25 1.51 21.32 3.02
C ARG A 25 1.35 20.05 2.21
N ARG A 26 2.35 19.18 2.19
CA ARG A 26 2.34 17.99 1.34
C ARG A 26 2.77 16.79 2.17
N VAL A 27 1.88 15.80 2.29
CA VAL A 27 2.09 14.62 3.10
C VAL A 27 2.11 13.41 2.19
N ILE A 28 3.09 12.52 2.39
CA ILE A 28 3.20 11.28 1.63
C ILE A 28 2.97 10.11 2.58
N CYS A 29 2.10 9.19 2.19
CA CYS A 29 1.86 7.97 2.94
C CYS A 29 2.56 6.80 2.27
N LEU A 30 3.30 6.03 3.06
CA LEU A 30 3.94 4.80 2.63
C LEU A 30 3.32 3.67 3.45
N VAL A 31 2.53 2.82 2.79
CA VAL A 31 1.71 1.85 3.52
C VAL A 31 2.05 0.44 3.06
N GLY A 32 1.85 -0.52 3.96
CA GLY A 32 2.11 -1.91 3.69
C GLY A 32 0.99 -2.82 4.15
N ALA A 33 1.28 -4.11 4.32
CA ALA A 33 0.24 -5.09 4.65
C ALA A 33 -0.43 -4.83 5.99
N GLY A 34 0.23 -4.14 6.92
CA GLY A 34 -0.34 -3.91 8.23
C GLY A 34 -1.60 -3.07 8.23
N ILE A 35 -1.85 -2.29 7.18
CA ILE A 35 -3.06 -1.46 7.12
C ILE A 35 -4.24 -2.21 6.54
N SER A 36 -4.05 -3.46 6.13
CA SER A 36 -5.14 -4.27 5.59
C SER A 36 -5.43 -5.53 6.41
N THR A 37 -4.65 -5.80 7.46
CA THR A 37 -4.84 -7.02 8.23
C THR A 37 -6.19 -7.03 8.93
N SER A 38 -6.63 -5.87 9.44
CA SER A 38 -7.94 -5.80 10.09
C SER A 38 -9.08 -5.95 9.10
N ALA A 39 -8.80 -5.93 7.80
CA ALA A 39 -9.80 -6.20 6.78
C ALA A 39 -9.83 -7.65 6.34
N GLY A 40 -9.07 -8.52 7.02
CA GLY A 40 -9.04 -9.92 6.70
C GLY A 40 -8.07 -10.35 5.63
N ILE A 41 -7.20 -9.45 5.17
CA ILE A 41 -6.26 -9.74 4.10
C ILE A 41 -4.93 -10.14 4.74
N PRO A 42 -4.36 -11.28 4.37
CA PRO A 42 -3.22 -11.81 5.13
C PRO A 42 -1.93 -11.06 4.83
N ASP A 43 -1.08 -10.96 5.85
CA ASP A 43 0.29 -10.47 5.73
C ASP A 43 1.20 -11.68 5.66
N PHE A 44 1.57 -12.09 4.45
CA PHE A 44 2.43 -13.25 4.27
C PHE A 44 3.90 -12.90 4.44
N ASN A 54 -0.38 -23.23 4.99
CA ASN A 54 -0.76 -24.35 4.14
C ASN A 54 0.08 -24.37 2.88
N LEU A 55 -0.54 -24.02 1.76
CA LEU A 55 0.03 -24.06 0.41
C LEU A 55 0.51 -25.45 -0.03
N GLU A 56 0.31 -26.49 0.79
CA GLU A 56 0.72 -27.84 0.40
C GLU A 56 -0.09 -28.34 -0.78
N LYS A 57 -1.35 -27.95 -0.88
CA LYS A 57 -2.24 -28.39 -1.95
C LYS A 57 -1.75 -27.99 -3.34
N TYR A 58 -0.82 -27.04 -3.43
CA TYR A 58 -0.38 -26.52 -4.72
C TYR A 58 0.92 -27.14 -5.22
N HIS A 59 1.58 -27.95 -4.39
CA HIS A 59 2.74 -28.75 -4.80
C HIS A 59 3.83 -27.89 -5.46
N LEU A 60 4.38 -26.99 -4.66
CA LEU A 60 5.36 -25.99 -5.06
C LEU A 60 6.77 -26.46 -4.72
N PRO A 61 7.77 -26.05 -5.51
CA PRO A 61 9.15 -26.39 -5.14
C PRO A 61 9.58 -25.80 -3.82
N TYR A 62 9.11 -24.60 -3.51
CA TYR A 62 9.30 -23.96 -2.22
C TYR A 62 8.12 -23.02 -2.00
N PRO A 63 7.75 -22.75 -0.75
CA PRO A 63 6.50 -21.98 -0.52
C PRO A 63 6.51 -20.60 -1.15
N GLU A 64 7.68 -19.98 -1.31
CA GLU A 64 7.74 -18.64 -1.87
C GLU A 64 7.59 -18.62 -3.38
N ALA A 65 7.74 -19.77 -4.05
CA ALA A 65 7.66 -19.81 -5.50
C ALA A 65 6.32 -19.28 -6.01
N ILE A 66 5.25 -19.44 -5.23
CA ILE A 66 3.94 -18.96 -5.63
C ILE A 66 3.92 -17.45 -5.85
N PHE A 67 4.87 -16.73 -5.26
CA PHE A 67 4.92 -15.28 -5.36
C PHE A 67 6.01 -14.78 -6.31
N GLU A 68 6.68 -15.68 -7.02
CA GLU A 68 7.79 -15.31 -7.90
C GLU A 68 7.38 -15.44 -9.36
N ILE A 69 7.88 -14.52 -10.19
CA ILE A 69 7.46 -14.45 -11.59
C ILE A 69 7.93 -15.68 -12.37
N SER A 70 9.05 -16.28 -11.96
CA SER A 70 9.55 -17.47 -12.65
C SER A 70 8.52 -18.60 -12.58
N TYR A 71 8.02 -18.89 -11.38
CA TYR A 71 7.07 -19.99 -11.23
C TYR A 71 5.74 -19.66 -11.89
N PHE A 72 5.29 -18.41 -11.80
CA PHE A 72 4.04 -18.03 -12.45
C PHE A 72 4.15 -18.21 -13.96
N LYS A 73 5.30 -17.86 -14.53
CA LYS A 73 5.51 -18.09 -15.95
C LYS A 73 5.51 -19.59 -16.27
N LYS A 74 6.15 -20.39 -15.41
CA LYS A 74 6.11 -21.84 -15.61
C LYS A 74 4.70 -22.38 -15.43
N HIS A 75 4.10 -22.15 -14.26
CA HIS A 75 2.78 -22.70 -13.92
C HIS A 75 1.92 -21.60 -13.31
N PRO A 76 1.03 -20.98 -14.09
CA PRO A 76 0.18 -19.92 -13.54
C PRO A 76 -1.04 -20.41 -12.77
N GLU A 77 -1.44 -21.67 -12.92
CA GLU A 77 -2.66 -22.15 -12.29
C GLU A 77 -2.61 -22.12 -10.76
N PRO A 78 -1.51 -22.49 -10.08
CA PRO A 78 -1.52 -22.43 -8.61
C PRO A 78 -1.79 -21.03 -8.08
N PHE A 79 -1.30 -19.99 -8.76
CA PHE A 79 -1.57 -18.63 -8.31
C PHE A 79 -3.05 -18.32 -8.35
N PHE A 80 -3.74 -18.69 -9.43
CA PHE A 80 -5.17 -18.39 -9.53
C PHE A 80 -5.98 -19.21 -8.53
N ALA A 81 -5.60 -20.46 -8.32
CA ALA A 81 -6.27 -21.27 -7.29
C ALA A 81 -6.11 -20.64 -5.91
N LEU A 82 -4.88 -20.25 -5.55
CA LEU A 82 -4.64 -19.59 -4.28
C LEU A 82 -5.36 -18.26 -4.20
N ALA A 83 -5.48 -17.55 -5.34
CA ALA A 83 -6.21 -16.30 -5.35
C ALA A 83 -7.67 -16.52 -5.03
N LYS A 84 -8.25 -17.63 -5.50
CA LYS A 84 -9.62 -17.95 -5.11
C LYS A 84 -9.71 -18.32 -3.65
N GLU A 85 -8.76 -19.11 -3.15
CA GLU A 85 -8.82 -19.55 -1.75
C GLU A 85 -8.71 -18.37 -0.79
N LEU A 86 -7.82 -17.43 -1.07
CA LEU A 86 -7.63 -16.26 -0.22
C LEU A 86 -8.52 -15.09 -0.62
N TYR A 87 -9.32 -15.23 -1.67
CA TYR A 87 -10.17 -14.13 -2.12
C TYR A 87 -11.10 -13.69 -1.01
N PRO A 88 -11.03 -12.45 -0.55
CA PRO A 88 -11.87 -12.03 0.58
C PRO A 88 -13.33 -12.00 0.19
N GLY A 89 -14.18 -12.46 1.11
CA GLY A 89 -15.62 -12.38 0.90
C GLY A 89 -16.13 -10.97 0.73
N GLN A 90 -15.35 -9.98 1.16
CA GLN A 90 -15.73 -8.59 1.06
C GLN A 90 -14.48 -7.73 1.00
N PHE A 91 -14.56 -6.64 0.25
CA PHE A 91 -13.47 -5.66 0.16
C PHE A 91 -13.90 -4.44 0.96
N LYS A 92 -13.58 -4.46 2.26
CA LYS A 92 -13.90 -3.36 3.17
C LYS A 92 -12.64 -2.63 3.59
N PRO A 93 -12.38 -1.41 3.11
CA PRO A 93 -11.20 -0.67 3.56
C PRO A 93 -11.25 -0.39 5.07
N THR A 94 -10.07 -0.17 5.64
CA THR A 94 -9.93 -0.01 7.07
C THR A 94 -9.96 1.47 7.46
N ILE A 95 -9.89 1.72 8.77
CA ILE A 95 -9.82 3.09 9.28
C ILE A 95 -8.63 3.84 8.65
N CYS A 96 -7.51 3.14 8.45
CA CYS A 96 -6.34 3.77 7.87
CA CYS A 96 -6.34 3.78 7.87
C CYS A 96 -6.62 4.27 6.45
N HIS A 97 -7.30 3.44 5.65
CA HIS A 97 -7.63 3.83 4.28
C HIS A 97 -8.49 5.09 4.26
N TYR A 98 -9.49 5.17 5.16
CA TYR A 98 -10.36 6.34 5.18
C TYR A 98 -9.69 7.56 5.83
N PHE A 99 -8.70 7.35 6.69
CA PHE A 99 -7.87 8.48 7.13
C PHE A 99 -7.11 9.06 5.95
N MET A 100 -6.53 8.21 5.10
CA MET A 100 -5.90 8.71 3.88
C MET A 100 -6.92 9.36 2.95
N ARG A 101 -8.15 8.84 2.92
CA ARG A 101 -9.21 9.48 2.15
C ARG A 101 -9.50 10.89 2.67
N LEU A 102 -9.51 11.06 3.99
CA LEU A 102 -9.69 12.40 4.56
C LEU A 102 -8.54 13.32 4.19
N LEU A 103 -7.31 12.81 4.25
CA LEU A 103 -6.15 13.58 3.80
C LEU A 103 -6.34 14.05 2.36
N LYS A 104 -6.83 13.15 1.49
CA LYS A 104 -7.12 13.54 0.12
C LYS A 104 -8.18 14.63 0.06
N ASP A 105 -9.29 14.43 0.78
CA ASP A 105 -10.43 15.35 0.71
C ASP A 105 -10.05 16.75 1.18
N LYS A 106 -9.15 16.86 2.14
CA LYS A 106 -8.78 18.16 2.67
C LYS A 106 -7.61 18.81 1.94
N GLY A 107 -7.05 18.13 0.94
CA GLY A 107 -5.98 18.72 0.14
C GLY A 107 -4.58 18.56 0.70
N LEU A 108 -4.39 17.67 1.68
CA LEU A 108 -3.07 17.48 2.29
C LEU A 108 -2.28 16.32 1.69
N LEU A 109 -2.94 15.38 1.01
CA LEU A 109 -2.27 14.20 0.47
C LEU A 109 -1.59 14.54 -0.85
N LEU A 110 -0.27 14.39 -0.89
CA LEU A 110 0.48 14.50 -2.14
C LEU A 110 0.49 13.17 -2.89
N ARG A 111 0.76 12.07 -2.20
CA ARG A 111 0.77 10.76 -2.81
C ARG A 111 0.69 9.69 -1.73
N CYS A 112 0.08 8.56 -2.09
CA CYS A 112 0.11 7.35 -1.28
C CYS A 112 0.87 6.27 -2.05
N TYR A 113 2.05 5.93 -1.56
CA TYR A 113 2.83 4.81 -2.10
C TYR A 113 2.45 3.55 -1.34
N THR A 114 1.92 2.55 -2.04
CA THR A 114 1.44 1.35 -1.37
C THR A 114 2.18 0.10 -1.85
N GLN A 115 2.40 -0.83 -0.93
CA GLN A 115 2.93 -2.16 -1.25
C GLN A 115 1.83 -3.18 -1.47
N ASN A 116 0.58 -2.82 -1.26
CA ASN A 116 -0.53 -3.77 -1.29
C ASN A 116 -1.16 -3.84 -2.67
N ILE A 117 -1.75 -5.00 -2.97
CA ILE A 117 -2.37 -5.26 -4.26
C ILE A 117 -3.88 -5.45 -4.13
N ASP A 118 -4.44 -5.18 -2.96
CA ASP A 118 -5.82 -5.54 -2.63
C ASP A 118 -6.85 -4.51 -3.08
N THR A 119 -6.42 -3.41 -3.69
CA THR A 119 -7.28 -2.35 -4.23
C THR A 119 -8.07 -1.59 -3.17
N LEU A 120 -7.76 -1.77 -1.89
CA LEU A 120 -8.55 -1.13 -0.85
C LEU A 120 -8.41 0.39 -0.85
N GLU A 121 -7.26 0.91 -1.29
CA GLU A 121 -7.10 2.35 -1.41
C GLU A 121 -8.10 2.93 -2.41
N ARG A 122 -8.28 2.26 -3.55
CA ARG A 122 -9.22 2.74 -4.55
C ARG A 122 -10.65 2.64 -4.07
N ILE A 123 -10.97 1.55 -3.36
CA ILE A 123 -12.33 1.40 -2.83
C ILE A 123 -12.60 2.46 -1.77
N ALA A 124 -11.57 2.89 -1.03
CA ALA A 124 -11.77 3.93 -0.03
C ALA A 124 -12.00 5.30 -0.66
N GLY A 125 -11.72 5.45 -1.96
CA GLY A 125 -11.89 6.72 -2.64
C GLY A 125 -10.61 7.35 -3.17
N LEU A 126 -9.44 6.78 -2.96
CA LEU A 126 -8.25 7.32 -3.58
C LEU A 126 -8.24 7.02 -5.07
N GLU A 127 -7.82 7.99 -5.87
CA GLU A 127 -7.83 7.88 -7.32
C GLU A 127 -6.42 7.61 -7.85
N GLN A 128 -6.36 7.35 -9.16
CA GLN A 128 -5.09 6.96 -9.78
C GLN A 128 -4.01 8.02 -9.56
N GLU A 129 -4.37 9.29 -9.65
CA GLU A 129 -3.39 10.36 -9.47
C GLU A 129 -2.86 10.40 -8.04
N ASP A 130 -3.66 9.94 -7.07
CA ASP A 130 -3.23 9.94 -5.68
C ASP A 130 -2.33 8.77 -5.34
N LEU A 131 -2.32 7.73 -6.17
CA LEU A 131 -1.73 6.45 -5.80
C LEU A 131 -0.47 6.15 -6.62
N VAL A 132 0.50 5.54 -5.96
CA VAL A 132 1.58 4.82 -6.60
C VAL A 132 1.50 3.40 -6.07
N GLU A 133 0.95 2.49 -6.90
CA GLU A 133 0.85 1.08 -6.55
C GLU A 133 2.18 0.43 -6.91
N ALA A 134 3.12 0.50 -5.96
CA ALA A 134 4.49 0.11 -6.25
C ALA A 134 4.61 -1.36 -6.62
N HIS A 135 3.71 -2.20 -6.12
CA HIS A 135 3.72 -3.62 -6.46
C HIS A 135 2.53 -4.01 -7.33
N GLY A 136 1.96 -3.07 -8.05
CA GLY A 136 0.83 -3.38 -8.91
C GLY A 136 -0.45 -3.58 -8.12
N THR A 137 -1.44 -4.11 -8.82
CA THR A 137 -2.77 -4.29 -8.25
C THR A 137 -3.57 -5.33 -9.04
N PHE A 138 -4.63 -5.82 -8.37
CA PHE A 138 -5.67 -6.61 -9.00
C PHE A 138 -6.71 -5.76 -9.70
N TYR A 139 -6.66 -4.44 -9.53
CA TYR A 139 -7.71 -3.56 -10.04
C TYR A 139 -7.85 -3.65 -11.55
N THR A 140 -6.74 -3.86 -12.26
CA THR A 140 -6.78 -4.10 -13.69
C THR A 140 -5.90 -5.29 -14.02
N SER A 141 -6.18 -5.91 -15.16
CA SER A 141 -5.39 -7.02 -15.66
C SER A 141 -5.15 -6.81 -17.16
N HIS A 142 -4.12 -7.45 -17.68
CA HIS A 142 -3.76 -7.30 -19.09
C HIS A 142 -3.44 -8.65 -19.71
N CYS A 143 -3.86 -8.82 -20.96
CA CYS A 143 -3.38 -9.91 -21.77
C CYS A 143 -1.86 -9.84 -21.89
N VAL A 144 -1.20 -11.00 -21.75
CA VAL A 144 0.27 -11.03 -21.69
C VAL A 144 0.94 -10.88 -23.04
N SER A 145 0.19 -10.97 -24.15
CA SER A 145 0.78 -10.89 -25.48
C SER A 145 1.06 -9.43 -25.83
N ALA A 146 2.31 -9.16 -26.24
CA ALA A 146 2.73 -7.77 -26.41
C ALA A 146 2.03 -7.10 -27.58
N SER A 147 1.58 -7.88 -28.56
CA SER A 147 0.87 -7.34 -29.71
C SER A 147 -0.62 -7.18 -29.46
N CYS A 148 -1.06 -7.37 -28.22
CA CYS A 148 -2.47 -7.25 -27.88
C CYS A 148 -2.65 -6.35 -26.66
N ARG A 149 -2.20 -6.82 -25.49
CA ARG A 149 -2.19 -6.03 -24.26
C ARG A 149 -3.60 -5.55 -23.88
N HIS A 150 -4.61 -6.34 -24.21
CA HIS A 150 -5.99 -5.99 -23.88
C HIS A 150 -6.17 -5.91 -22.37
N GLU A 151 -6.86 -4.86 -21.92
CA GLU A 151 -7.07 -4.60 -20.49
C GLU A 151 -8.46 -5.06 -20.05
N TYR A 152 -8.52 -5.64 -18.86
CA TYR A 152 -9.74 -6.17 -18.28
C TYR A 152 -9.92 -5.67 -16.86
N PRO A 153 -11.14 -5.36 -16.45
CA PRO A 153 -11.38 -4.83 -15.11
C PRO A 153 -11.48 -5.92 -14.06
N LEU A 154 -11.61 -5.49 -12.81
CA LEU A 154 -11.56 -6.41 -11.67
C LEU A 154 -12.72 -7.41 -11.69
N SER A 155 -13.89 -6.99 -12.16
CA SER A 155 -15.04 -7.90 -12.19
C SER A 155 -14.80 -9.06 -13.15
N TRP A 156 -14.23 -8.78 -14.32
CA TRP A 156 -13.88 -9.84 -15.27
C TRP A 156 -12.93 -10.85 -14.64
N MET A 157 -11.85 -10.35 -14.02
CA MET A 157 -10.86 -11.23 -13.42
C MET A 157 -11.46 -12.04 -12.28
N LYS A 158 -12.33 -11.42 -11.48
CA LYS A 158 -12.95 -12.15 -10.36
C LYS A 158 -13.87 -13.25 -10.89
N GLU A 159 -14.66 -12.96 -11.91
CA GLU A 159 -15.52 -13.98 -12.49
C GLU A 159 -14.70 -15.13 -13.05
N LYS A 160 -13.55 -14.82 -13.68
CA LYS A 160 -12.71 -15.88 -14.19
C LYS A 160 -12.09 -16.70 -13.06
N ILE A 161 -11.71 -16.05 -11.96
CA ILE A 161 -11.07 -16.75 -10.86
C ILE A 161 -12.06 -17.65 -10.13
N PHE A 162 -13.30 -17.18 -9.94
CA PHE A 162 -14.26 -17.95 -9.16
C PHE A 162 -14.89 -19.08 -9.95
N SER A 163 -15.11 -18.90 -11.26
CA SER A 163 -15.51 -20.04 -12.08
C SER A 163 -14.39 -21.04 -12.28
N GLU A 164 -13.20 -20.76 -11.72
CA GLU A 164 -12.02 -21.61 -11.87
C GLU A 164 -11.68 -21.83 -13.34
N VAL A 165 -11.84 -20.77 -14.13
CA VAL A 165 -11.41 -20.74 -15.52
C VAL A 165 -10.13 -19.91 -15.59
N THR A 166 -9.07 -20.51 -16.12
CA THR A 166 -7.82 -19.78 -16.30
C THR A 166 -8.06 -18.60 -17.22
N PRO A 167 -7.78 -17.36 -16.79
CA PRO A 167 -8.20 -16.18 -17.57
C PRO A 167 -7.50 -16.12 -18.91
N LYS A 168 -8.30 -16.15 -19.98
CA LYS A 168 -7.80 -16.08 -21.34
C LYS A 168 -8.36 -14.84 -22.04
N CYS A 169 -7.53 -14.24 -22.90
CA CYS A 169 -7.93 -13.01 -23.59
C CYS A 169 -9.05 -13.29 -24.59
N GLU A 170 -10.05 -12.43 -24.59
CA GLU A 170 -11.18 -12.60 -25.51
C GLU A 170 -10.83 -12.26 -26.95
N ASP A 171 -9.70 -11.61 -27.20
CA ASP A 171 -9.28 -11.28 -28.57
C ASP A 171 -8.33 -12.32 -29.15
N CYS A 172 -7.31 -12.73 -28.39
CA CYS A 172 -6.29 -13.63 -28.92
C CYS A 172 -6.10 -14.90 -28.09
N GLN A 173 -6.88 -15.10 -27.03
CA GLN A 173 -6.88 -16.31 -26.21
C GLN A 173 -5.59 -16.49 -25.40
N SER A 174 -4.74 -15.48 -25.31
CA SER A 174 -3.56 -15.57 -24.49
C SER A 174 -3.93 -15.40 -23.01
N LEU A 175 -2.98 -15.79 -22.15
CA LEU A 175 -3.20 -15.68 -20.71
C LEU A 175 -3.36 -14.23 -20.30
N VAL A 176 -4.26 -13.99 -19.34
CA VAL A 176 -4.50 -12.65 -18.80
C VAL A 176 -4.04 -12.63 -17.36
N LYS A 177 -3.16 -11.68 -17.03
CA LYS A 177 -2.51 -11.61 -15.73
C LYS A 177 -2.91 -10.34 -14.99
N PRO A 178 -3.21 -10.43 -13.69
CA PRO A 178 -3.45 -9.21 -12.91
C PRO A 178 -2.23 -8.32 -12.91
N ASP A 179 -2.44 -7.01 -12.76
CA ASP A 179 -1.34 -6.08 -12.99
C ASP A 179 -0.46 -5.99 -11.75
N ILE A 180 0.00 -7.12 -11.23
CA ILE A 180 0.76 -7.14 -9.99
C ILE A 180 2.23 -7.40 -10.29
N VAL A 181 3.09 -6.89 -9.42
CA VAL A 181 4.53 -7.08 -9.55
C VAL A 181 4.91 -8.29 -8.70
N PHE A 182 5.18 -9.41 -9.36
CA PHE A 182 5.71 -10.57 -8.64
C PHE A 182 7.13 -10.27 -8.17
N PHE A 183 7.56 -11.03 -7.16
CA PHE A 183 8.96 -10.96 -6.76
C PHE A 183 9.84 -11.36 -7.94
N GLY A 184 10.85 -10.54 -8.22
CA GLY A 184 11.69 -10.72 -9.38
C GLY A 184 11.31 -9.89 -10.58
N GLU A 185 10.15 -9.23 -10.55
CA GLU A 185 9.74 -8.33 -11.61
C GLU A 185 10.18 -6.91 -11.29
N SER A 186 10.38 -6.13 -12.35
CA SER A 186 10.69 -4.72 -12.20
C SER A 186 9.44 -3.95 -11.77
N LEU A 187 9.63 -2.97 -10.90
CA LEU A 187 8.53 -2.12 -10.47
C LEU A 187 8.06 -1.25 -11.64
N PRO A 188 6.81 -0.78 -11.59
CA PRO A 188 6.29 0.00 -12.72
C PRO A 188 6.98 1.35 -12.84
N ALA A 189 6.93 1.89 -14.07
CA ALA A 189 7.64 3.13 -14.36
C ALA A 189 7.06 4.32 -13.61
N ARG A 190 5.77 4.26 -13.25
CA ARG A 190 5.15 5.35 -12.50
C ARG A 190 5.81 5.54 -11.14
N PHE A 191 6.25 4.46 -10.52
CA PHE A 191 7.00 4.53 -9.26
C PHE A 191 8.19 5.46 -9.40
N PHE A 192 9.06 5.19 -10.38
CA PHE A 192 10.28 5.97 -10.57
C PHE A 192 9.99 7.35 -11.14
N SER A 193 8.87 7.53 -11.82
CA SER A 193 8.51 8.88 -12.28
C SER A 193 8.04 9.75 -11.13
N CYS A 194 7.21 9.21 -10.24
CA CYS A 194 6.65 10.01 -9.16
C CYS A 194 7.69 10.30 -8.09
N MET A 195 8.58 9.33 -7.83
CA MET A 195 9.50 9.50 -6.71
C MET A 195 10.46 10.67 -6.93
N GLN A 196 10.73 11.03 -8.19
CA GLN A 196 11.69 12.10 -8.45
C GLN A 196 11.18 13.44 -7.97
N SER A 197 9.91 13.74 -8.23
CA SER A 197 9.34 15.02 -7.85
C SER A 197 8.76 15.01 -6.43
N ASP A 198 8.13 13.90 -6.04
CA ASP A 198 7.39 13.88 -4.78
C ASP A 198 8.30 14.10 -3.57
N PHE A 199 9.46 13.45 -3.57
CA PHE A 199 10.29 13.43 -2.37
C PHE A 199 11.24 14.62 -2.25
N LEU A 200 11.16 15.57 -3.18
CA LEU A 200 11.79 16.87 -2.98
C LEU A 200 10.84 17.88 -2.37
N LYS A 201 9.53 17.64 -2.47
CA LYS A 201 8.51 18.56 -1.97
C LYS A 201 7.86 18.10 -0.68
N VAL A 202 8.11 16.86 -0.24
CA VAL A 202 7.34 16.29 0.85
C VAL A 202 7.68 16.97 2.17
N ASP A 203 6.65 17.26 2.95
CA ASP A 203 6.82 17.86 4.27
C ASP A 203 6.65 16.87 5.41
N LEU A 204 6.06 15.70 5.15
CA LEU A 204 5.82 14.72 6.20
C LEU A 204 5.66 13.34 5.57
N LEU A 205 6.27 12.35 6.19
CA LEU A 205 6.10 10.95 5.81
C LEU A 205 5.27 10.24 6.87
N LEU A 206 4.21 9.57 6.44
CA LEU A 206 3.39 8.72 7.30
C LEU A 206 3.62 7.28 6.84
N VAL A 207 4.43 6.54 7.58
CA VAL A 207 4.80 5.16 7.26
C VAL A 207 3.94 4.25 8.11
N MET A 208 2.98 3.57 7.48
CA MET A 208 1.96 2.82 8.21
C MET A 208 1.90 1.38 7.72
N GLY A 209 1.99 0.44 8.66
CA GLY A 209 1.73 -0.94 8.35
C GLY A 209 2.79 -1.64 7.53
N THR A 210 4.01 -1.14 7.51
CA THR A 210 5.11 -1.80 6.82
C THR A 210 6.32 -1.88 7.73
N SER A 211 7.03 -3.00 7.64
CA SER A 211 8.28 -3.19 8.37
C SER A 211 9.50 -2.87 7.52
N LEU A 212 9.30 -2.35 6.30
CA LEU A 212 10.38 -1.84 5.46
C LEU A 212 11.43 -2.92 5.18
N GLN A 213 10.96 -4.06 4.70
CA GLN A 213 11.84 -5.18 4.36
C GLN A 213 11.80 -5.56 2.89
N VAL A 214 11.01 -4.85 2.08
CA VAL A 214 10.94 -5.10 0.64
C VAL A 214 11.55 -3.91 -0.10
N GLN A 215 12.52 -4.19 -0.97
CA GLN A 215 13.20 -3.18 -1.76
C GLN A 215 12.69 -3.17 -3.19
N PRO A 216 12.77 -2.03 -3.89
CA PRO A 216 13.31 -0.73 -3.47
C PRO A 216 12.31 0.15 -2.73
N PHE A 217 11.17 -0.38 -2.29
CA PHE A 217 10.17 0.44 -1.64
C PHE A 217 10.72 1.08 -0.36
N ALA A 218 11.38 0.27 0.48
CA ALA A 218 11.85 0.76 1.78
C ALA A 218 12.79 1.95 1.63
N SER A 219 13.69 1.91 0.64
CA SER A 219 14.64 2.99 0.43
C SER A 219 13.95 4.34 0.26
N LEU A 220 12.64 4.35 -0.01
CA LEU A 220 11.92 5.61 -0.15
C LEU A 220 12.06 6.49 1.09
N ILE A 221 12.23 5.88 2.28
CA ILE A 221 12.31 6.71 3.48
C ILE A 221 13.58 7.55 3.51
N SER A 222 14.59 7.18 2.73
CA SER A 222 15.82 7.95 2.68
C SER A 222 15.83 8.97 1.55
N LYS A 223 14.77 9.02 0.73
CA LYS A 223 14.69 10.02 -0.33
C LYS A 223 14.16 11.35 0.17
N ALA A 224 13.47 11.37 1.31
CA ALA A 224 12.90 12.60 1.82
C ALA A 224 14.00 13.55 2.30
N PRO A 225 13.73 14.85 2.32
CA PRO A 225 14.71 15.79 2.89
C PRO A 225 14.96 15.47 4.36
N LEU A 226 16.18 15.78 4.81
CA LEU A 226 16.61 15.41 6.14
C LEU A 226 15.81 16.09 7.25
N SER A 227 15.15 17.21 6.95
CA SER A 227 14.31 17.89 7.92
C SER A 227 12.87 17.41 7.92
N THR A 228 12.49 16.54 6.99
CA THR A 228 11.11 16.09 6.87
C THR A 228 10.78 15.09 7.99
N PRO A 229 9.81 15.39 8.85
CA PRO A 229 9.45 14.43 9.90
C PRO A 229 8.85 13.15 9.32
N ARG A 230 9.06 12.05 10.04
CA ARG A 230 8.64 10.72 9.60
C ARG A 230 8.00 10.01 10.78
N LEU A 231 6.70 9.72 10.66
CA LEU A 231 5.95 9.04 11.71
C LEU A 231 5.69 7.59 11.31
N LEU A 232 6.10 6.66 12.15
CA LEU A 232 5.90 5.23 11.92
C LEU A 232 4.76 4.73 12.79
N ILE A 233 3.71 4.25 12.16
CA ILE A 233 2.61 3.56 12.84
C ILE A 233 2.70 2.10 12.41
N ASN A 234 3.20 1.25 13.31
CA ASN A 234 3.43 -0.15 12.98
C ASN A 234 3.41 -0.95 14.27
N LYS A 235 3.23 -2.27 14.13
CA LYS A 235 3.26 -3.13 15.31
C LYS A 235 4.66 -3.33 15.86
N GLU A 236 5.70 -2.93 15.12
CA GLU A 236 7.07 -3.07 15.58
C GLU A 236 7.89 -1.91 15.00
N LYS A 237 8.95 -1.55 15.71
CA LYS A 237 9.87 -0.55 15.19
C LYS A 237 10.60 -1.11 13.97
N ALA A 238 10.79 -0.27 12.96
CA ALA A 238 11.41 -0.70 11.72
C ALA A 238 12.10 0.48 11.06
N GLY A 239 12.96 0.15 10.09
CA GLY A 239 13.69 1.18 9.36
C GLY A 239 14.96 1.66 10.05
N GLN A 240 15.36 1.03 11.15
CA GLN A 240 16.56 1.43 11.86
C GLN A 240 17.78 0.80 11.21
N SER A 241 18.77 1.61 10.90
CA SER A 241 19.99 1.13 10.23
C SER A 241 20.76 0.15 11.10
N GLY A 252 23.73 5.81 6.03
CA GLY A 252 22.36 5.45 5.67
C GLY A 252 21.32 6.36 6.32
N GLY A 253 20.34 6.77 5.52
CA GLY A 253 19.29 7.64 6.02
C GLY A 253 18.16 6.90 6.69
N GLY A 254 18.50 6.01 7.62
CA GLY A 254 17.51 5.19 8.29
C GLY A 254 16.80 5.91 9.42
N MET A 255 15.84 5.20 10.01
CA MET A 255 15.06 5.76 11.11
C MET A 255 15.89 5.83 12.38
N ASP A 256 15.71 6.92 13.14
CA ASP A 256 16.36 7.11 14.43
C ASP A 256 15.30 7.59 15.42
N PHE A 257 14.72 6.66 16.16
CA PHE A 257 13.69 7.01 17.13
C PHE A 257 14.25 7.28 18.52
N ASP A 258 15.34 6.61 18.91
CA ASP A 258 15.71 6.47 20.31
C ASP A 258 17.07 7.02 20.69
N SER A 259 17.90 7.45 19.74
CA SER A 259 19.22 7.92 20.11
C SER A 259 19.16 9.32 20.70
N LYS A 260 20.29 9.78 21.22
CA LYS A 260 20.40 11.16 21.70
C LYS A 260 20.45 12.17 20.56
N LYS A 261 20.66 11.71 19.33
CA LYS A 261 20.63 12.57 18.16
C LYS A 261 19.30 12.50 17.42
N ALA A 262 18.30 11.84 18.01
CA ALA A 262 16.98 11.78 17.39
C ALA A 262 16.34 13.17 17.36
N TYR A 263 15.71 13.50 16.24
CA TYR A 263 15.21 14.85 16.06
C TYR A 263 13.96 14.94 15.19
N ARG A 264 13.62 13.85 14.49
CA ARG A 264 12.52 13.95 13.53
C ARG A 264 11.70 12.67 13.35
N ASP A 265 12.06 11.55 13.96
CA ASP A 265 11.39 10.29 13.73
C ASP A 265 10.58 9.89 14.96
N VAL A 266 9.30 9.55 14.74
CA VAL A 266 8.38 9.19 15.80
C VAL A 266 7.84 7.80 15.53
N ALA A 267 7.89 6.93 16.54
CA ALA A 267 7.38 5.57 16.43
C ALA A 267 6.18 5.42 17.34
N TRP A 268 5.05 5.04 16.75
CA TRP A 268 3.84 4.69 17.51
C TRP A 268 3.57 3.21 17.27
N LEU A 269 3.78 2.39 18.30
CA LEU A 269 3.73 0.94 18.17
C LEU A 269 2.36 0.43 18.58
N GLY A 270 1.71 -0.28 17.67
CA GLY A 270 0.40 -0.84 17.93
C GLY A 270 -0.33 -1.09 16.62
N GLU A 271 -1.64 -1.32 16.74
CA GLU A 271 -2.47 -1.51 15.57
C GLU A 271 -2.57 -0.21 14.77
N CYS A 272 -2.53 -0.34 13.43
CA CYS A 272 -2.56 0.85 12.59
C CYS A 272 -3.88 1.60 12.73
N ASP A 273 -4.99 0.89 12.83
CA ASP A 273 -6.29 1.54 13.02
C ASP A 273 -6.29 2.41 14.26
N GLN A 274 -5.69 1.91 15.35
CA GLN A 274 -5.68 2.66 16.61
C GLN A 274 -4.84 3.93 16.50
N GLY A 275 -3.66 3.81 15.89
CA GLY A 275 -2.83 5.00 15.71
C GLY A 275 -3.48 6.05 14.82
N CYS A 276 -4.14 5.60 13.75
CA CYS A 276 -4.86 6.54 12.90
C CYS A 276 -6.02 7.18 13.62
N LEU A 277 -6.74 6.41 14.45
CA LEU A 277 -7.82 6.99 15.25
C LEU A 277 -7.27 8.07 16.18
N ALA A 278 -6.17 7.78 16.86
CA ALA A 278 -5.60 8.76 17.79
C ALA A 278 -5.13 10.02 17.06
N LEU A 279 -4.46 9.85 15.92
CA LEU A 279 -4.00 11.01 15.16
C LEU A 279 -5.18 11.84 14.64
N ALA A 280 -6.21 11.17 14.12
CA ALA A 280 -7.38 11.89 13.63
C ALA A 280 -8.06 12.66 14.74
N GLU A 281 -8.15 12.06 15.94
CA GLU A 281 -8.74 12.77 17.07
C GLU A 281 -7.89 13.99 17.44
N LEU A 282 -6.57 13.83 17.45
CA LEU A 282 -5.70 14.97 17.74
C LEU A 282 -5.84 16.08 16.71
N LEU A 283 -6.18 15.73 15.47
CA LEU A 283 -6.40 16.72 14.42
C LEU A 283 -7.82 17.28 14.42
N GLY A 284 -8.70 16.75 15.27
CA GLY A 284 -10.09 17.19 15.30
C GLY A 284 -11.01 16.47 14.33
N TRP A 285 -10.59 15.33 13.80
CA TRP A 285 -11.31 14.63 12.74
C TRP A 285 -12.02 13.37 13.25
N LYS A 286 -12.17 13.22 14.57
CA LYS A 286 -12.70 11.97 15.10
C LYS A 286 -14.11 11.69 14.59
N LYS A 287 -15.02 12.65 14.75
CA LYS A 287 -16.41 12.45 14.37
C LYS A 287 -16.54 12.21 12.87
N GLU A 288 -15.81 12.99 12.06
CA GLU A 288 -15.91 12.84 10.61
C GLU A 288 -15.39 11.49 10.16
N LEU A 289 -14.25 11.06 10.70
CA LEU A 289 -13.71 9.76 10.35
C LEU A 289 -14.65 8.63 10.78
N GLU A 290 -15.23 8.75 11.98
CA GLU A 290 -16.22 7.77 12.44
C GLU A 290 -17.37 7.64 11.45
N ASP A 291 -17.99 8.77 11.12
CA ASP A 291 -19.15 8.74 10.23
C ASP A 291 -18.76 8.20 8.85
N LEU A 292 -17.60 8.59 8.34
CA LEU A 292 -17.15 8.09 7.04
C LEU A 292 -16.98 6.58 7.06
N VAL A 293 -16.27 6.06 8.07
CA VAL A 293 -16.02 4.62 8.13
C VAL A 293 -17.32 3.85 8.27
N ARG A 294 -18.20 4.30 9.17
CA ARG A 294 -19.46 3.56 9.38
C ARG A 294 -20.33 3.60 8.13
N ARG A 295 -20.45 4.77 7.49
CA ARG A 295 -21.27 4.88 6.29
C ARG A 295 -20.72 4.00 5.18
N GLU A 296 -19.41 4.01 4.99
CA GLU A 296 -18.85 3.23 3.88
C GLU A 296 -18.92 1.73 4.15
N HIS A 297 -18.67 1.31 5.40
CA HIS A 297 -18.79 -0.11 5.71
C HIS A 297 -20.22 -0.59 5.53
N ALA A 298 -21.20 0.23 5.95
CA ALA A 298 -22.59 -0.16 5.75
C ALA A 298 -22.96 -0.18 4.27
N SER A 299 -22.45 0.79 3.50
CA SER A 299 -22.73 0.84 2.07
C SER A 299 -22.11 -0.35 1.34
N ILE A 300 -20.98 -0.85 1.84
CA ILE A 300 -20.39 -2.06 1.24
C ILE A 300 -21.16 -3.29 1.65
N ASP A 301 -21.61 -3.36 2.91
CA ASP A 301 -22.43 -4.49 3.34
C ASP A 301 -23.75 -4.55 2.60
N ALA A 302 -24.30 -3.40 2.20
CA ALA A 302 -25.56 -3.39 1.47
C ALA A 302 -25.37 -3.93 0.05
N GLN A 303 -24.43 -3.33 -0.71
CA GLN A 303 -24.19 -3.72 -2.08
C GLN A 303 -23.50 -5.06 -2.22
N SER A 304 -23.24 -5.76 -1.11
CA SER A 304 -22.53 -7.04 -1.16
C SER A 304 -23.32 -8.08 -1.94
N GLU B 1 20.16 -4.72 -18.83
CA GLU B 1 19.72 -4.06 -17.61
C GLU B 1 18.21 -3.83 -17.63
N ALA B 2 17.62 -3.76 -16.45
CA ALA B 2 16.20 -3.50 -16.30
C ALA B 2 15.99 -2.60 -15.09
N LEU B 3 14.76 -2.08 -14.97
CA LEU B 3 14.41 -1.28 -13.81
C LEU B 3 14.53 -2.11 -12.54
N PRO B 4 14.79 -1.47 -11.39
CA PRO B 4 14.99 -2.23 -10.15
C PRO B 4 13.82 -3.17 -9.86
N LYS B 5 14.16 -4.37 -9.40
CA LYS B 5 13.18 -5.42 -9.22
C LYS B 5 12.75 -5.57 -7.77
N ALA B 6 11.56 -6.13 -7.57
CA ALA B 6 11.00 -6.33 -6.20
C ALA B 6 11.79 -7.44 -5.50
N THR B 7 12.54 -7.10 -4.44
CA THR B 7 13.32 -8.08 -3.71
C THR B 7 13.02 -8.03 -2.21
N GLY B 8 13.01 -9.19 -1.56
CA GLY B 8 12.74 -9.28 -0.15
C GLY B 8 13.97 -9.15 0.73
#